data_5ICN
#
_entry.id   5ICN
#
_cell.length_a   107.815
_cell.length_b   107.815
_cell.length_c   134.161
_cell.angle_alpha   90.00
_cell.angle_beta   90.00
_cell.angle_gamma   120.00
#
_symmetry.space_group_name_H-M   'P 32 2 1'
#
loop_
_entity.id
_entity.type
_entity.pdbx_description
1 polymer 'Metastasis-associated protein MTA1'
2 polymer 'Histone deacetylase 1'
3 polymer GLY-ALA-6A0-ARG-HIS
4 non-polymer 'INOSITOL HEXAKISPHOSPHATE'
5 non-polymer 'ZINC ION'
6 non-polymer 'POTASSIUM ION'
#
loop_
_entity_poly.entity_id
_entity_poly.type
_entity_poly.pdbx_seq_one_letter_code
_entity_poly.pdbx_strand_id
1 'polypeptide(L)'
;GAADKGEIRVGNRYQADITDLLKEGEEDGRDQSRLETQVWEAHNPLTDKQIDQFLVVARSVGTFARALDCSSSVRQPSLH
MSAAAASRDITLFHAMDTLHKNIYDISKAISALVPQGGPVLCRDEMEEWSASEANLFEEALEKYGKDFTDIQQDFLPWKS
LTSIIEYYYMWKTTDRYVQQKRLKAAEAESKLKQV
;
A
2 'polypeptide(L)'
;MAQTQGTRRKVCYYYDGDVGNYYYGQGHPMKPHRIRMTHNLLLNYGLYRKMEIYRPHKANAEEMTKYHSDDYIKFLRSIR
PDNMSEYSKQMQRFNVGEDCPVFDGLFEFCQLSTGGSVASAVKLNKQQTDIAVNWAGGLHHAKKSEASGFCYVNDIVLAI
LELLKYHQRVLYIDIDIHHGDGVEEAFYTTDRVMTVSFHKYGEYFPGTGDLRDIGAGKGKYYAVNYPLRDGIDDESYEAI
FKPVMSKVMEMFQPSAVVLQCGSDSLSGDRLGCFNLTIKGHAKCVEFVKSFNLPMLMLGGGGYTIRNVARCWTYETAVAL
DTEIPNELPYNDYFEYFGPDFKLHISPSNMTNQNTNEYLEKIKQRLFENLRMLPHA
;
B
3 'polypeptide(L)' LGKGGA(6A0)RH C
#
# COMPACT_ATOMS: atom_id res chain seq x y z
N GLY A 6 -11.09 -16.43 16.69
CA GLY A 6 -11.95 -15.21 16.69
C GLY A 6 -12.06 -14.62 18.07
N GLU A 7 -10.93 -14.18 18.61
CA GLU A 7 -10.87 -13.67 19.97
C GLU A 7 -9.73 -12.68 20.11
N ILE A 8 -9.97 -11.61 20.86
CA ILE A 8 -8.93 -10.60 21.08
C ILE A 8 -8.32 -10.80 22.46
N ARG A 9 -6.99 -10.77 22.52
CA ARG A 9 -6.25 -11.16 23.72
C ARG A 9 -5.67 -9.94 24.46
N VAL A 10 -5.45 -10.10 25.77
CA VAL A 10 -4.83 -9.08 26.63
C VAL A 10 -3.59 -9.64 27.33
N GLY A 11 -2.58 -8.81 27.56
CA GLY A 11 -1.36 -9.26 28.25
C GLY A 11 -0.08 -8.72 27.64
N ASN A 12 1.02 -8.95 28.34
CA ASN A 12 2.34 -8.45 27.93
C ASN A 12 2.74 -9.00 26.58
N ARG A 13 2.17 -10.14 26.22
CA ARG A 13 2.56 -10.86 25.02
C ARG A 13 1.63 -10.52 23.86
N TYR A 14 0.78 -9.50 24.03
CA TYR A 14 -0.20 -9.07 23.01
C TYR A 14 -0.17 -7.58 22.71
N GLN A 15 -0.27 -6.77 23.75
CA GLN A 15 -0.23 -5.32 23.60
C GLN A 15 1.19 -4.84 23.35
N ALA A 16 1.31 -3.66 22.77
CA ALA A 16 2.59 -2.98 22.57
C ALA A 16 2.92 -2.13 23.77
N ASP A 17 4.21 -2.00 24.09
CA ASP A 17 4.66 -1.06 25.11
C ASP A 17 4.51 0.35 24.52
N ILE A 18 3.73 1.21 25.16
CA ILE A 18 3.43 2.52 24.58
C ILE A 18 4.61 3.49 24.73
N THR A 19 5.03 4.08 23.61
CA THR A 19 6.20 4.95 23.60
C THR A 19 5.89 6.32 24.17
N ASP A 20 6.64 6.68 25.20
CA ASP A 20 6.36 7.89 25.97
C ASP A 20 6.64 9.13 25.15
N LEU A 21 5.83 10.15 25.38
CA LEU A 21 5.96 11.42 24.69
C LEU A 21 7.29 12.04 25.10
N LEU A 22 8.01 12.57 24.12
CA LEU A 22 9.31 13.19 24.37
C LEU A 22 9.13 14.51 25.09
N LYS A 23 10.04 14.78 26.00
CA LYS A 23 10.11 16.07 26.67
C LYS A 23 10.37 17.19 25.64
N GLU A 24 10.02 18.43 26.00
CA GLU A 24 10.28 19.60 25.14
C GLU A 24 11.77 19.78 24.89
N GLY A 25 12.59 19.29 25.82
CA GLY A 25 14.06 19.27 25.66
C GLY A 25 14.60 18.01 24.98
N GLU A 26 13.93 16.87 25.16
CA GLU A 26 14.37 15.61 24.56
C GLU A 26 14.22 15.63 23.03
N GLU A 27 15.12 14.91 22.34
CA GLU A 27 15.06 14.77 20.86
C GLU A 27 14.98 13.29 20.44
N ASP A 28 14.16 13.02 19.42
CA ASP A 28 13.83 11.64 18.99
C ASP A 28 15.01 10.77 18.55
N GLY A 29 16.10 11.42 18.15
CA GLY A 29 17.30 10.72 17.68
C GLY A 29 17.02 9.75 16.55
N ARG A 30 16.65 10.29 15.38
CA ARG A 30 16.39 9.47 14.19
C ARG A 30 17.08 10.03 12.95
N ASP A 31 18.05 9.26 12.44
CA ASP A 31 18.83 9.65 11.25
C ASP A 31 18.00 9.46 9.99
N GLN A 32 17.62 10.58 9.35
CA GLN A 32 16.69 10.52 8.22
C GLN A 32 17.29 9.96 6.94
N SER A 33 18.61 10.02 6.79
CA SER A 33 19.26 9.43 5.62
C SER A 33 19.28 7.91 5.67
N ARG A 34 19.26 7.34 6.87
CA ARG A 34 19.17 5.90 7.02
C ARG A 34 17.75 5.39 6.73
N LEU A 35 16.78 6.31 6.63
CA LEU A 35 15.37 5.95 6.47
C LEU A 35 14.80 6.21 5.07
N GLU A 36 15.31 7.22 4.38
CA GLU A 36 14.76 7.58 3.07
C GLU A 36 15.83 8.21 2.19
N THR A 37 15.60 8.21 0.88
CA THR A 37 16.41 9.00 -0.05
C THR A 37 15.54 9.53 -1.16
N GLN A 38 15.50 10.86 -1.28
CA GLN A 38 14.51 11.54 -2.11
C GLN A 38 14.77 11.33 -3.60
N VAL A 39 13.69 11.25 -4.36
CA VAL A 39 13.73 10.89 -5.77
C VAL A 39 13.04 11.89 -6.68
N TRP A 40 12.24 12.77 -6.09
CA TRP A 40 11.61 13.86 -6.83
C TRP A 40 11.10 14.95 -5.86
N GLU A 41 11.63 16.15 -6.00
CA GLU A 41 11.13 17.30 -5.29
C GLU A 41 9.91 17.85 -6.06
N ALA A 42 8.88 18.24 -5.32
CA ALA A 42 7.61 18.68 -5.93
C ALA A 42 7.58 20.17 -6.21
N HIS A 43 8.48 20.92 -5.58
CA HIS A 43 8.58 22.33 -5.83
C HIS A 43 9.86 22.59 -6.62
N ASN A 44 9.70 22.58 -7.94
CA ASN A 44 10.79 22.75 -8.90
C ASN A 44 10.75 24.09 -9.58
N PRO A 45 11.92 24.64 -9.92
CA PRO A 45 11.94 25.82 -10.79
C PRO A 45 11.31 25.58 -12.18
N LEU A 46 10.97 24.33 -12.49
CA LEU A 46 10.42 23.96 -13.79
C LEU A 46 8.92 24.00 -13.81
N THR A 47 8.38 24.18 -15.02
CA THR A 47 6.94 24.17 -15.27
C THR A 47 6.52 22.85 -15.91
N ASP A 48 5.23 22.53 -15.78
CA ASP A 48 4.70 21.32 -16.40
C ASP A 48 5.13 21.17 -17.85
N LYS A 49 5.08 22.27 -18.59
CA LYS A 49 5.42 22.24 -20.00
C LYS A 49 6.83 21.70 -20.20
N GLN A 50 7.78 22.27 -19.46
CA GLN A 50 9.21 21.92 -19.55
C GLN A 50 9.51 20.49 -19.16
N ILE A 51 8.82 20.00 -18.13
CA ILE A 51 8.98 18.62 -17.71
C ILE A 51 8.42 17.75 -18.81
N ASP A 52 7.19 18.06 -19.25
CA ASP A 52 6.57 17.36 -20.36
C ASP A 52 7.51 17.28 -21.54
N GLN A 53 8.04 18.46 -21.92
CA GLN A 53 8.99 18.56 -23.03
C GLN A 53 10.20 17.66 -22.80
N PHE A 54 10.77 17.71 -21.61
CA PHE A 54 11.91 16.90 -21.32
C PHE A 54 11.57 15.44 -21.50
N LEU A 55 10.40 15.05 -21.03
CA LEU A 55 9.96 13.66 -21.20
C LEU A 55 9.92 13.23 -22.69
N VAL A 56 9.50 14.14 -23.56
CA VAL A 56 9.49 13.85 -25.00
C VAL A 56 10.92 13.64 -25.44
N VAL A 57 11.79 14.53 -25.00
CA VAL A 57 13.18 14.42 -25.38
C VAL A 57 13.79 13.11 -24.90
N ALA A 58 13.53 12.76 -23.63
CA ALA A 58 14.02 11.50 -23.05
C ALA A 58 13.56 10.30 -23.86
N ARG A 59 12.35 10.40 -24.38
CA ARG A 59 11.82 9.39 -25.27
C ARG A 59 12.50 9.35 -26.64
N SER A 60 12.81 10.51 -27.18
CA SER A 60 13.41 10.57 -28.51
C SER A 60 14.80 9.96 -28.50
N VAL A 61 15.61 10.36 -27.51
CA VAL A 61 16.97 9.83 -27.31
C VAL A 61 16.89 8.30 -27.32
N GLY A 62 16.00 7.79 -26.47
CA GLY A 62 15.79 6.37 -26.31
C GLY A 62 15.54 5.65 -27.61
N THR A 63 14.76 6.27 -28.50
CA THR A 63 14.42 5.67 -29.80
C THR A 63 15.65 5.72 -30.70
N PHE A 64 16.34 6.86 -30.68
CA PHE A 64 17.57 7.05 -31.42
C PHE A 64 18.70 6.17 -30.87
N ALA A 65 18.66 5.90 -29.57
CA ALA A 65 19.61 4.99 -28.96
C ALA A 65 19.46 3.60 -29.55
N ARG A 66 18.24 3.09 -29.56
CA ARG A 66 18.02 1.73 -30.04
C ARG A 66 17.99 1.64 -31.56
N ALA A 67 18.07 2.78 -32.24
CA ALA A 67 18.35 2.80 -33.67
C ALA A 67 19.83 2.51 -33.95
N LEU A 68 20.70 2.89 -33.01
CA LEU A 68 22.13 2.59 -33.09
C LEU A 68 22.50 1.21 -32.51
N ASP A 69 21.60 0.21 -32.60
CA ASP A 69 21.91 -1.18 -32.22
C ASP A 69 22.11 -1.32 -30.71
N SER A 78 9.44 -1.55 -37.30
CA SER A 78 10.26 -1.40 -36.10
C SER A 78 10.40 0.06 -35.63
N LEU A 79 10.18 1.03 -36.52
CA LEU A 79 10.20 2.43 -36.09
C LEU A 79 9.16 2.67 -34.99
N HIS A 80 7.88 2.48 -35.31
CA HIS A 80 6.85 2.61 -34.29
C HIS A 80 7.19 1.74 -33.06
N MET A 81 7.68 0.52 -33.30
CA MET A 81 8.04 -0.41 -32.21
C MET A 81 9.10 0.11 -31.27
N SER A 82 10.16 0.67 -31.84
CA SER A 82 11.25 1.26 -31.05
C SER A 82 10.79 2.48 -30.25
N ALA A 83 9.90 3.28 -30.86
CA ALA A 83 9.33 4.48 -30.22
C ALA A 83 8.45 4.11 -29.05
N ALA A 84 7.66 3.05 -29.22
CA ALA A 84 6.81 2.58 -28.15
C ALA A 84 7.64 2.01 -27.05
N ALA A 85 8.66 1.24 -27.44
CA ALA A 85 9.66 0.69 -26.53
C ALA A 85 10.29 1.78 -25.69
N ALA A 86 10.69 2.86 -26.37
CA ALA A 86 11.27 4.00 -25.69
C ALA A 86 10.27 4.84 -24.91
N SER A 87 8.99 4.65 -25.18
CA SER A 87 7.94 5.40 -24.48
C SER A 87 7.44 4.69 -23.23
N ARG A 88 7.95 3.50 -22.94
CA ARG A 88 7.50 2.77 -21.76
C ARG A 88 7.94 3.44 -20.46
N ASP A 89 7.36 3.02 -19.34
CA ASP A 89 7.46 3.77 -18.11
C ASP A 89 8.88 3.86 -17.58
N ILE A 90 9.62 2.76 -17.70
CA ILE A 90 11.01 2.69 -17.21
C ILE A 90 11.85 3.87 -17.71
N THR A 91 11.69 4.18 -19.00
CA THR A 91 12.38 5.31 -19.62
C THR A 91 11.91 6.62 -19.00
N LEU A 92 10.60 6.76 -18.81
CA LEU A 92 10.04 7.95 -18.16
C LEU A 92 10.54 8.09 -16.73
N PHE A 93 10.39 7.04 -15.94
CA PHE A 93 10.89 7.11 -14.58
C PHE A 93 12.36 7.56 -14.60
N HIS A 94 13.15 6.96 -15.47
CA HIS A 94 14.57 7.31 -15.55
C HIS A 94 14.73 8.76 -15.92
N ALA A 95 13.79 9.29 -16.70
CA ALA A 95 13.78 10.71 -17.09
C ALA A 95 13.47 11.67 -15.94
N MET A 96 12.57 11.25 -15.06
CA MET A 96 12.28 12.02 -13.86
C MET A 96 13.40 12.01 -12.82
N ASP A 97 14.18 10.92 -12.78
CA ASP A 97 15.34 10.87 -11.88
C ASP A 97 16.49 11.68 -12.44
N THR A 98 16.70 11.58 -13.74
CA THR A 98 17.77 12.34 -14.39
C THR A 98 17.58 13.82 -14.12
N LEU A 99 16.34 14.27 -14.09
CA LEU A 99 16.04 15.66 -13.77
C LEU A 99 16.48 15.96 -12.35
N HIS A 100 15.95 15.20 -11.40
CA HIS A 100 16.21 15.43 -9.98
C HIS A 100 17.69 15.31 -9.56
N LYS A 101 18.36 14.31 -10.10
CA LYS A 101 19.79 14.16 -9.88
C LYS A 101 20.56 15.36 -10.38
N ASN A 102 20.11 15.98 -11.47
CA ASN A 102 20.79 17.14 -12.01
C ASN A 102 20.23 18.47 -11.49
N ILE A 103 19.51 18.42 -10.37
CA ILE A 103 19.01 19.63 -9.68
C ILE A 103 18.03 20.44 -10.53
N TYR A 104 17.24 19.73 -11.34
CA TYR A 104 16.25 20.36 -12.22
C TYR A 104 16.83 21.40 -13.18
N ASP A 105 18.08 21.17 -13.58
CA ASP A 105 18.74 21.95 -14.62
C ASP A 105 18.57 21.19 -15.93
N ILE A 106 17.69 21.71 -16.79
CA ILE A 106 17.38 21.08 -18.07
C ILE A 106 18.64 20.84 -18.88
N SER A 107 19.42 21.91 -19.01
CA SER A 107 20.65 21.87 -19.76
C SER A 107 21.69 20.87 -19.25
N LYS A 108 21.74 20.71 -17.93
CA LYS A 108 22.68 19.76 -17.31
C LYS A 108 22.13 18.34 -17.47
N ALA A 109 20.82 18.21 -17.32
CA ALA A 109 20.16 16.92 -17.36
C ALA A 109 20.23 16.31 -18.74
N ILE A 110 20.13 17.14 -19.76
CA ILE A 110 20.23 16.64 -21.12
C ILE A 110 21.61 16.02 -21.42
N SER A 111 22.68 16.59 -20.84
CA SER A 111 24.04 15.99 -20.94
C SER A 111 24.04 14.59 -20.37
N ALA A 112 23.37 14.43 -19.24
CA ALA A 112 23.26 13.13 -18.60
C ALA A 112 22.73 12.10 -19.57
N LEU A 113 21.72 12.49 -20.35
CA LEU A 113 21.08 11.60 -21.34
C LEU A 113 21.96 11.26 -22.57
N VAL A 114 22.94 12.12 -22.85
CA VAL A 114 23.83 11.92 -23.98
C VAL A 114 25.29 12.06 -23.52
N PRO A 115 25.71 11.25 -22.54
CA PRO A 115 26.94 11.48 -21.78
C PRO A 115 28.17 12.00 -22.52
N GLN A 116 28.43 11.40 -23.68
CA GLN A 116 29.65 11.70 -24.42
C GLN A 116 29.33 11.71 -25.90
N GLY A 117 28.18 12.31 -26.22
CA GLY A 117 27.62 12.23 -27.56
C GLY A 117 26.85 10.95 -27.83
N GLY A 118 26.82 10.02 -26.87
CA GLY A 118 26.15 8.74 -27.05
C GLY A 118 24.92 8.71 -26.20
N PRO A 119 23.78 8.20 -26.73
CA PRO A 119 22.54 8.18 -25.97
C PRO A 119 22.49 7.04 -24.95
N VAL A 120 21.47 7.03 -24.08
CA VAL A 120 21.31 5.96 -23.09
C VAL A 120 20.06 5.11 -23.34
N LEU A 121 20.18 3.82 -23.06
CA LEU A 121 19.11 2.85 -23.26
C LEU A 121 18.61 2.29 -21.93
N CYS A 122 17.31 2.40 -21.71
CA CYS A 122 16.67 1.76 -20.59
C CYS A 122 15.67 0.76 -21.16
N ARG A 123 15.87 -0.50 -20.79
CA ARG A 123 15.01 -1.55 -21.26
C ARG A 123 14.52 -2.33 -20.05
N ASP A 124 13.21 -2.41 -19.90
CA ASP A 124 12.59 -3.29 -18.92
C ASP A 124 12.74 -4.77 -19.29
N GLU A 125 12.46 -5.63 -18.32
CA GLU A 125 12.63 -7.05 -18.54
C GLU A 125 11.86 -7.53 -19.76
N MET A 126 10.71 -6.90 -20.04
CA MET A 126 9.93 -7.25 -21.22
C MET A 126 10.80 -7.17 -22.45
N GLU A 127 11.28 -5.98 -22.74
CA GLU A 127 12.08 -5.73 -23.94
C GLU A 127 13.45 -6.43 -23.93
N GLU A 128 14.04 -6.57 -22.75
CA GLU A 128 15.42 -7.01 -22.59
C GLU A 128 15.69 -8.47 -22.85
N TRP A 129 14.70 -9.33 -22.59
CA TRP A 129 14.84 -10.79 -22.70
C TRP A 129 15.06 -11.17 -24.15
N SER A 130 15.79 -12.25 -24.41
CA SER A 130 16.01 -12.71 -25.77
C SER A 130 14.77 -13.43 -26.31
N ALA A 131 14.74 -13.62 -27.63
CA ALA A 131 13.60 -14.26 -28.28
C ALA A 131 13.40 -15.61 -27.65
N SER A 132 14.53 -16.31 -27.44
CA SER A 132 14.55 -17.67 -26.94
C SER A 132 14.24 -17.79 -25.44
N GLU A 133 14.61 -16.77 -24.68
CA GLU A 133 14.14 -16.68 -23.29
C GLU A 133 12.62 -16.49 -23.22
N ALA A 134 12.10 -15.56 -24.02
CA ALA A 134 10.66 -15.35 -24.14
C ALA A 134 9.93 -16.65 -24.48
N ASN A 135 10.55 -17.40 -25.38
CA ASN A 135 10.04 -18.67 -25.82
C ASN A 135 9.99 -19.64 -24.63
N LEU A 136 11.11 -19.72 -23.92
CA LEU A 136 11.21 -20.57 -22.75
C LEU A 136 10.11 -20.29 -21.76
N PHE A 137 9.87 -19.02 -21.52
CA PHE A 137 8.83 -18.59 -20.61
C PHE A 137 7.44 -19.08 -20.98
N GLU A 138 7.09 -19.03 -22.26
CA GLU A 138 5.77 -19.46 -22.71
C GLU A 138 5.60 -20.96 -22.68
N GLU A 139 6.71 -21.68 -22.62
CA GLU A 139 6.67 -23.13 -22.44
C GLU A 139 6.53 -23.47 -20.96
N ALA A 140 7.26 -22.73 -20.13
CA ALA A 140 7.28 -22.98 -18.70
C ALA A 140 5.96 -22.65 -18.04
N LEU A 141 5.34 -21.55 -18.48
CA LEU A 141 4.02 -21.14 -17.99
C LEU A 141 2.99 -22.20 -18.38
N GLU A 142 2.82 -22.42 -19.69
CA GLU A 142 1.84 -23.39 -20.22
C GLU A 142 2.08 -24.78 -19.62
N LYS A 143 3.27 -25.02 -19.09
CA LYS A 143 3.54 -26.29 -18.46
C LYS A 143 3.49 -26.31 -16.94
N TYR A 144 3.96 -25.26 -16.27
CA TYR A 144 3.91 -25.23 -14.80
C TYR A 144 2.96 -24.19 -14.23
N GLY A 145 2.12 -23.62 -15.08
CA GLY A 145 1.24 -22.53 -14.66
C GLY A 145 2.07 -21.43 -14.03
N LYS A 146 1.54 -20.82 -12.96
CA LYS A 146 2.14 -19.62 -12.38
C LYS A 146 3.04 -20.00 -11.20
N ASP A 147 3.82 -21.06 -11.35
CA ASP A 147 4.73 -21.47 -10.29
C ASP A 147 6.15 -20.99 -10.62
N PHE A 148 6.42 -19.73 -10.28
CA PHE A 148 7.58 -19.04 -10.83
C PHE A 148 8.95 -19.47 -10.27
N THR A 149 9.00 -20.13 -9.11
CA THR A 149 10.29 -20.69 -8.67
C THR A 149 10.68 -21.92 -9.48
N ASP A 150 9.72 -22.79 -9.76
CA ASP A 150 9.99 -23.94 -10.61
C ASP A 150 10.20 -23.54 -12.04
N ILE A 151 9.51 -22.49 -12.48
CA ILE A 151 9.66 -21.97 -13.86
C ILE A 151 11.11 -21.54 -14.07
N GLN A 152 11.72 -20.96 -13.05
CA GLN A 152 13.13 -20.62 -13.13
C GLN A 152 14.00 -21.88 -13.03
N GLN A 153 13.87 -22.62 -11.94
CA GLN A 153 14.70 -23.80 -11.68
C GLN A 153 14.86 -24.67 -12.91
N ASP A 154 13.74 -25.00 -13.54
CA ASP A 154 13.73 -25.90 -14.66
C ASP A 154 13.80 -25.23 -16.04
N PHE A 155 13.37 -23.97 -16.18
CA PHE A 155 13.33 -23.35 -17.53
C PHE A 155 14.23 -22.12 -17.73
N LEU A 156 14.29 -21.24 -16.74
CA LEU A 156 15.11 -20.01 -16.83
C LEU A 156 15.96 -19.83 -15.57
N PRO A 157 16.88 -20.78 -15.31
CA PRO A 157 17.62 -20.78 -14.04
C PRO A 157 18.69 -19.70 -13.94
N TRP A 158 19.05 -19.11 -15.06
CA TRP A 158 20.05 -18.04 -15.08
C TRP A 158 19.45 -16.68 -14.76
N LYS A 159 18.13 -16.57 -14.79
CA LYS A 159 17.42 -15.32 -14.46
C LYS A 159 17.08 -15.30 -12.99
N SER A 160 17.01 -14.11 -12.41
CA SER A 160 16.61 -13.99 -11.01
C SER A 160 15.10 -14.01 -10.87
N LEU A 161 14.61 -14.69 -9.85
CA LEU A 161 13.17 -14.84 -9.67
C LEU A 161 12.47 -13.52 -9.90
N THR A 162 12.97 -12.45 -9.27
CA THR A 162 12.21 -11.19 -9.28
C THR A 162 12.17 -10.57 -10.67
N SER A 163 13.13 -10.90 -11.54
CA SER A 163 13.04 -10.44 -12.93
C SER A 163 11.98 -11.23 -13.70
N ILE A 164 11.80 -12.49 -13.35
CA ILE A 164 10.80 -13.30 -13.99
C ILE A 164 9.39 -12.81 -13.61
N ILE A 165 9.24 -12.36 -12.37
CA ILE A 165 7.96 -11.80 -11.91
C ILE A 165 7.63 -10.57 -12.74
N GLU A 166 8.54 -9.59 -12.73
CA GLU A 166 8.39 -8.33 -13.49
C GLU A 166 8.07 -8.59 -14.94
N TYR A 167 8.73 -9.59 -15.50
CA TYR A 167 8.44 -9.99 -16.87
C TYR A 167 7.02 -10.53 -16.99
N TYR A 168 6.66 -11.46 -16.11
CA TYR A 168 5.34 -12.05 -16.15
C TYR A 168 4.27 -10.97 -16.37
N TYR A 169 4.21 -10.04 -15.44
CA TYR A 169 3.14 -9.05 -15.43
C TYR A 169 3.15 -8.24 -16.70
N MET A 170 4.34 -7.90 -17.18
CA MET A 170 4.46 -7.14 -18.42
C MET A 170 3.99 -7.97 -19.62
N TRP A 171 4.23 -9.27 -19.52
CA TRP A 171 3.87 -10.17 -20.60
C TRP A 171 2.36 -10.39 -20.67
N LYS A 172 1.69 -10.37 -19.52
CA LYS A 172 0.23 -10.50 -19.47
C LYS A 172 -0.54 -9.49 -20.34
N THR A 173 0.09 -8.38 -20.72
CA THR A 173 -0.56 -7.39 -21.56
C THR A 173 -0.19 -7.59 -23.01
N THR A 174 0.61 -8.62 -23.28
CA THR A 174 1.08 -8.87 -24.62
C THR A 174 -0.08 -8.90 -25.60
N ASP A 175 0.19 -8.45 -26.82
CA ASP A 175 -0.81 -8.45 -27.90
C ASP A 175 -1.06 -9.89 -28.36
N ARG A 176 -0.01 -10.53 -28.88
CA ARG A 176 -0.05 -11.95 -29.27
C ARG A 176 -0.59 -12.85 -28.15
N TYR A 177 -0.59 -12.34 -26.92
CA TYR A 177 -1.24 -12.98 -25.79
C TYR A 177 -2.76 -12.79 -25.76
N VAL A 178 -3.46 -13.89 -25.97
CA VAL A 178 -4.91 -13.89 -25.89
C VAL A 178 -5.31 -15.18 -25.20
N GLN A 179 -5.44 -15.06 -23.89
CA GLN A 179 -6.08 -16.11 -23.10
C GLN A 179 -7.60 -15.91 -23.05
N GLN A 180 -8.06 -14.65 -23.17
CA GLN A 180 -9.49 -14.34 -23.22
C GLN A 180 -10.11 -14.55 -24.60
N LYS A 181 -11.44 -14.54 -24.65
CA LYS A 181 -12.21 -14.69 -25.89
C LYS A 181 -13.39 -13.72 -25.87
N ARG B 8 -2.76 24.55 0.00
CA ARG B 8 -3.07 23.10 -0.27
C ARG B 8 -2.02 22.15 0.30
N ARG B 9 -2.50 21.09 0.95
CA ARG B 9 -1.68 20.23 1.79
C ARG B 9 -0.49 19.69 1.00
N LYS B 10 0.65 19.49 1.68
CA LYS B 10 1.84 18.89 1.05
C LYS B 10 1.87 17.39 1.26
N VAL B 11 2.13 16.65 0.19
CA VAL B 11 2.07 15.18 0.23
C VAL B 11 3.43 14.52 -0.04
N CYS B 12 3.75 13.48 0.73
CA CYS B 12 4.97 12.70 0.55
C CYS B 12 4.66 11.26 0.20
N TYR B 13 5.22 10.78 -0.88
CA TYR B 13 4.86 9.48 -1.39
C TYR B 13 6.06 8.56 -1.28
N TYR B 14 5.86 7.39 -0.68
CA TYR B 14 6.95 6.41 -0.48
C TYR B 14 6.76 5.17 -1.34
N TYR B 15 7.81 4.78 -2.06
CA TYR B 15 7.74 3.65 -2.99
C TYR B 15 9.12 3.06 -3.27
N ASP B 16 9.22 1.72 -3.26
CA ASP B 16 10.44 1.04 -3.72
C ASP B 16 10.08 0.10 -4.83
N GLY B 17 10.72 0.33 -5.98
CA GLY B 17 10.45 -0.40 -7.22
C GLY B 17 10.37 -1.90 -7.06
N ASP B 18 11.13 -2.45 -6.12
CA ASP B 18 11.17 -3.90 -5.89
C ASP B 18 9.83 -4.50 -5.43
N VAL B 19 9.01 -3.68 -4.76
CA VAL B 19 7.78 -4.13 -4.07
C VAL B 19 6.74 -4.81 -4.98
N GLY B 20 6.63 -4.35 -6.22
CA GLY B 20 5.74 -5.01 -7.16
C GLY B 20 6.18 -6.42 -7.55
N ASN B 21 7.47 -6.71 -7.38
CA ASN B 21 8.10 -7.94 -7.89
C ASN B 21 8.14 -9.11 -6.91
N TYR B 22 7.93 -8.83 -5.62
CA TYR B 22 7.80 -9.89 -4.63
C TYR B 22 6.47 -10.61 -4.81
N TYR B 23 6.47 -11.93 -4.65
CA TYR B 23 5.36 -12.77 -5.04
C TYR B 23 4.98 -13.72 -3.92
N TYR B 24 3.69 -13.78 -3.61
CA TYR B 24 3.19 -14.57 -2.46
C TYR B 24 3.07 -16.04 -2.74
N GLY B 25 2.75 -16.39 -3.96
CA GLY B 25 2.72 -17.79 -4.34
C GLY B 25 1.59 -18.07 -5.29
N GLN B 26 1.75 -19.14 -6.06
CA GLN B 26 0.72 -19.55 -6.98
C GLN B 26 -0.61 -19.69 -6.26
N GLY B 27 -1.66 -19.16 -6.88
CA GLY B 27 -3.02 -19.28 -6.36
C GLY B 27 -3.36 -18.37 -5.20
N HIS B 28 -2.39 -17.56 -4.76
CA HIS B 28 -2.58 -16.65 -3.63
C HIS B 28 -3.14 -15.29 -4.05
N PRO B 29 -4.13 -14.77 -3.31
CA PRO B 29 -4.83 -13.56 -3.74
C PRO B 29 -4.06 -12.26 -3.52
N MET B 30 -3.35 -12.15 -2.41
CA MET B 30 -2.50 -11.01 -2.16
C MET B 30 -1.43 -10.91 -3.25
N LYS B 31 -1.49 -9.83 -4.01
CA LYS B 31 -0.54 -9.64 -5.09
C LYS B 31 0.12 -8.25 -5.02
N PRO B 32 1.37 -8.19 -4.53
CA PRO B 32 2.02 -6.90 -4.29
C PRO B 32 2.12 -6.05 -5.56
N HIS B 33 1.99 -6.69 -6.71
CA HIS B 33 2.12 -6.00 -7.98
C HIS B 33 1.16 -4.84 -8.16
N ARG B 34 0.05 -4.87 -7.43
CA ARG B 34 -0.97 -3.83 -7.50
C ARG B 34 -0.46 -2.43 -7.11
N ILE B 35 0.60 -2.39 -6.29
CA ILE B 35 1.22 -1.12 -5.88
C ILE B 35 2.03 -0.52 -7.03
N ARG B 36 2.72 -1.38 -7.76
CA ARG B 36 3.45 -0.99 -8.95
C ARG B 36 2.48 -0.45 -9.99
N MET B 37 1.29 -1.03 -10.09
CA MET B 37 0.26 -0.58 -11.03
C MET B 37 -0.22 0.82 -10.73
N THR B 38 -0.43 1.06 -9.43
CA THR B 38 -0.77 2.36 -8.90
C THR B 38 0.34 3.37 -9.20
N HIS B 39 1.54 3.06 -8.71
CA HIS B 39 2.72 3.87 -8.95
C HIS B 39 2.72 4.35 -10.40
N ASN B 40 2.60 3.41 -11.31
CA ASN B 40 2.68 3.70 -12.73
C ASN B 40 1.54 4.59 -13.23
N LEU B 41 0.34 4.43 -12.67
CA LEU B 41 -0.77 5.29 -13.07
C LEU B 41 -0.48 6.70 -12.59
N LEU B 42 -0.08 6.81 -11.34
CA LEU B 42 0.27 8.09 -10.73
C LEU B 42 1.25 8.90 -11.62
N LEU B 43 2.24 8.23 -12.19
CA LEU B 43 3.20 8.88 -13.07
C LEU B 43 2.54 9.40 -14.33
N ASN B 44 1.71 8.55 -14.93
CA ASN B 44 1.03 8.91 -16.16
C ASN B 44 -0.20 9.80 -15.99
N TYR B 45 -0.78 9.83 -14.80
CA TYR B 45 -1.83 10.81 -14.54
C TYR B 45 -1.20 12.16 -14.16
N GLY B 46 0.12 12.23 -14.07
CA GLY B 46 0.85 13.48 -13.79
C GLY B 46 0.86 13.87 -12.32
N LEU B 47 0.45 12.96 -11.46
CA LEU B 47 0.32 13.21 -10.04
C LEU B 47 1.69 13.06 -9.37
N TYR B 48 2.43 12.00 -9.76
CA TYR B 48 3.81 11.75 -9.31
C TYR B 48 4.58 13.06 -9.23
N ARG B 49 4.62 13.71 -10.39
CA ARG B 49 5.16 15.04 -10.54
C ARG B 49 4.88 15.94 -9.32
N LYS B 50 3.63 15.95 -8.86
CA LYS B 50 3.14 16.93 -7.87
C LYS B 50 3.36 16.60 -6.40
N MET B 51 4.06 15.52 -6.09
CA MET B 51 4.29 15.23 -4.69
C MET B 51 5.73 14.78 -4.44
N GLU B 52 6.16 14.86 -3.20
CA GLU B 52 7.55 14.56 -2.84
C GLU B 52 7.78 13.04 -2.77
N ILE B 53 8.57 12.52 -3.72
CA ILE B 53 8.75 11.06 -3.88
C ILE B 53 10.02 10.51 -3.17
N TYR B 54 9.82 9.61 -2.21
CA TYR B 54 10.93 9.04 -1.42
C TYR B 54 11.04 7.54 -1.60
N ARG B 55 12.27 7.05 -1.77
CA ARG B 55 12.57 5.61 -1.67
C ARG B 55 12.86 5.33 -0.21
N PRO B 56 12.12 4.40 0.38
CA PRO B 56 12.36 4.02 1.76
C PRO B 56 13.47 3.00 1.90
N HIS B 57 14.47 3.33 2.70
CA HIS B 57 15.49 2.37 3.05
C HIS B 57 14.82 1.24 3.82
N LYS B 58 15.50 0.11 3.87
CA LYS B 58 15.00 -1.12 4.48
C LYS B 58 14.94 -0.97 6.00
N ALA B 59 13.81 -1.30 6.61
CA ALA B 59 13.69 -1.27 8.06
C ALA B 59 14.38 -2.51 8.61
N ASN B 60 15.30 -2.30 9.56
CA ASN B 60 16.04 -3.43 10.14
C ASN B 60 15.31 -3.99 11.36
N ALA B 61 15.69 -5.21 11.73
CA ALA B 61 15.13 -5.91 12.89
C ALA B 61 15.11 -5.03 14.14
N GLU B 62 16.07 -4.11 14.24
CA GLU B 62 16.17 -3.10 15.30
C GLU B 62 14.84 -2.43 15.62
N GLU B 63 14.20 -1.88 14.60
CA GLU B 63 12.96 -1.12 14.77
C GLU B 63 11.67 -1.96 14.62
N MET B 64 11.73 -3.08 13.92
CA MET B 64 10.63 -4.05 13.92
C MET B 64 10.39 -4.69 15.29
N THR B 65 11.46 -4.84 16.10
CA THR B 65 11.36 -5.41 17.46
C THR B 65 10.95 -4.38 18.48
N LYS B 66 10.85 -3.11 18.07
CA LYS B 66 10.24 -2.08 18.91
C LYS B 66 8.79 -2.43 19.29
N TYR B 67 8.15 -3.32 18.53
CA TYR B 67 6.85 -3.91 18.91
C TYR B 67 6.92 -5.43 18.95
N HIS B 68 7.49 -6.06 17.93
CA HIS B 68 7.49 -7.52 17.83
C HIS B 68 8.56 -8.22 18.67
N SER B 69 8.35 -9.54 18.83
CA SER B 69 9.24 -10.42 19.59
C SER B 69 10.64 -10.42 19.01
N ASP B 70 11.64 -10.42 19.88
CA ASP B 70 13.03 -10.48 19.43
C ASP B 70 13.27 -11.78 18.67
N ASP B 71 12.45 -12.79 18.93
CA ASP B 71 12.60 -14.11 18.32
C ASP B 71 11.54 -14.45 17.27
N TYR B 72 10.60 -13.53 17.06
CA TYR B 72 9.63 -13.66 15.97
C TYR B 72 10.25 -13.05 14.70
N ILE B 73 10.83 -11.86 14.86
CA ILE B 73 11.57 -11.20 13.81
C ILE B 73 12.79 -12.06 13.46
N LYS B 74 13.50 -12.53 14.49
CA LYS B 74 14.65 -13.42 14.30
C LYS B 74 14.24 -14.56 13.37
N PHE B 75 13.11 -15.19 13.68
CA PHE B 75 12.56 -16.24 12.85
C PHE B 75 12.37 -15.80 11.40
N LEU B 76 11.79 -14.61 11.20
CA LEU B 76 11.51 -14.07 9.86
C LEU B 76 12.77 -13.74 9.09
N ARG B 77 13.74 -13.15 9.79
CA ARG B 77 15.01 -12.81 9.19
C ARG B 77 15.65 -14.09 8.67
N SER B 78 15.47 -15.17 9.44
CA SER B 78 16.12 -16.44 9.15
C SER B 78 15.39 -17.32 8.12
N ILE B 79 14.09 -17.53 8.31
CA ILE B 79 13.32 -18.47 7.47
C ILE B 79 13.53 -18.23 5.98
N ARG B 80 13.54 -19.32 5.22
CA ARG B 80 13.58 -19.29 3.76
C ARG B 80 12.72 -20.46 3.26
N PRO B 81 12.54 -20.57 1.92
CA PRO B 81 12.01 -21.81 1.33
C PRO B 81 13.04 -22.96 1.31
N ASP B 82 14.31 -22.64 1.52
CA ASP B 82 15.35 -23.65 1.64
C ASP B 82 15.05 -24.41 2.94
N ASN B 83 15.26 -23.72 4.06
CA ASN B 83 15.19 -24.33 5.39
C ASN B 83 13.74 -24.41 5.88
N MET B 84 12.83 -24.65 4.95
CA MET B 84 11.40 -24.67 5.24
C MET B 84 11.01 -25.94 6.00
N SER B 85 11.57 -27.08 5.62
CA SER B 85 11.29 -28.33 6.34
C SER B 85 12.08 -28.45 7.66
N GLU B 86 13.21 -27.74 7.79
CA GLU B 86 13.99 -27.69 9.04
C GLU B 86 13.28 -26.90 10.18
N TYR B 87 12.57 -25.83 9.82
CA TYR B 87 11.95 -24.91 10.80
C TYR B 87 10.54 -25.27 11.24
N SER B 88 9.89 -26.17 10.51
CA SER B 88 8.44 -26.42 10.62
C SER B 88 7.87 -26.36 12.05
N LYS B 89 8.71 -26.72 13.02
CA LYS B 89 8.43 -26.52 14.45
C LYS B 89 7.95 -25.09 14.70
N GLN B 90 8.85 -24.14 14.45
CA GLN B 90 8.55 -22.70 14.61
C GLN B 90 7.53 -22.16 13.63
N MET B 91 7.42 -22.76 12.46
CA MET B 91 6.41 -22.33 11.51
C MET B 91 5.00 -22.37 12.10
N GLN B 92 4.68 -23.44 12.82
CA GLN B 92 3.33 -23.60 13.38
C GLN B 92 3.07 -22.65 14.55
N ARG B 93 4.07 -22.43 15.38
CA ARG B 93 3.95 -21.47 16.48
C ARG B 93 3.71 -20.03 15.97
N PHE B 94 4.13 -19.73 14.74
CA PHE B 94 4.06 -18.36 14.19
C PHE B 94 3.05 -18.14 13.05
N ASN B 95 2.28 -19.17 12.71
CA ASN B 95 1.17 -19.02 11.76
C ASN B 95 1.55 -18.94 10.27
N VAL B 96 2.77 -19.33 9.92
CA VAL B 96 3.24 -19.19 8.54
C VAL B 96 2.90 -20.41 7.68
N GLY B 97 1.83 -20.32 6.88
CA GLY B 97 1.43 -21.45 6.04
C GLY B 97 0.20 -21.25 5.16
N GLU B 98 -0.87 -21.99 5.46
CA GLU B 98 -2.03 -22.14 4.55
C GLU B 98 -2.40 -20.89 3.76
N ASP B 99 -2.70 -19.80 4.46
CA ASP B 99 -2.98 -18.53 3.79
C ASP B 99 -1.92 -17.45 4.08
N CYS B 100 -0.84 -17.76 4.80
CA CYS B 100 0.32 -16.86 4.84
C CYS B 100 1.59 -17.58 4.39
N PRO B 101 1.80 -17.73 3.06
CA PRO B 101 2.89 -18.62 2.68
C PRO B 101 4.25 -18.08 3.07
N VAL B 102 5.24 -18.97 3.02
CA VAL B 102 6.63 -18.56 2.98
C VAL B 102 6.87 -18.29 1.50
N PHE B 103 7.77 -17.36 1.18
CA PHE B 103 8.09 -17.07 -0.23
C PHE B 103 9.35 -16.27 -0.34
N ASP B 104 10.04 -16.42 -1.48
CA ASP B 104 11.37 -15.86 -1.64
C ASP B 104 11.33 -14.33 -1.60
N GLY B 105 12.09 -13.75 -0.68
CA GLY B 105 12.14 -12.31 -0.47
C GLY B 105 11.24 -11.79 0.64
N LEU B 106 10.41 -12.68 1.20
CA LEU B 106 9.46 -12.30 2.24
C LEU B 106 9.96 -11.24 3.21
N PHE B 107 11.13 -11.44 3.80
CA PHE B 107 11.62 -10.47 4.77
C PHE B 107 12.00 -9.14 4.13
N GLU B 108 12.49 -9.18 2.89
CA GLU B 108 12.73 -7.97 2.14
C GLU B 108 11.42 -7.20 1.99
N PHE B 109 10.37 -7.91 1.61
CA PHE B 109 9.04 -7.32 1.45
C PHE B 109 8.59 -6.57 2.71
N CYS B 110 8.73 -7.22 3.86
CA CYS B 110 8.35 -6.61 5.14
C CYS B 110 9.15 -5.35 5.42
N GLN B 111 10.43 -5.38 5.10
CA GLN B 111 11.29 -4.25 5.41
C GLN B 111 10.86 -3.01 4.65
N LEU B 112 10.42 -3.21 3.40
CA LEU B 112 10.01 -2.08 2.57
C LEU B 112 8.67 -1.51 3.03
N SER B 113 7.73 -2.40 3.34
CA SER B 113 6.43 -1.99 3.82
C SER B 113 6.54 -1.21 5.12
N THR B 114 7.39 -1.71 6.01
CA THR B 114 7.59 -1.10 7.32
C THR B 114 8.43 0.17 7.22
N GLY B 115 9.43 0.15 6.36
CA GLY B 115 10.27 1.33 6.16
C GLY B 115 9.49 2.53 5.66
N GLY B 116 8.56 2.27 4.75
CA GLY B 116 7.70 3.31 4.19
C GLY B 116 6.84 4.01 5.22
N SER B 117 6.20 3.20 6.05
CA SER B 117 5.33 3.71 7.10
C SER B 117 6.11 4.47 8.19
N VAL B 118 7.27 3.96 8.58
CA VAL B 118 8.08 4.54 9.66
C VAL B 118 8.71 5.86 9.23
N ALA B 119 9.35 5.81 8.05
CA ALA B 119 9.96 6.99 7.49
C ALA B 119 8.94 8.11 7.42
N SER B 120 7.73 7.78 6.97
CA SER B 120 6.67 8.77 6.82
C SER B 120 6.19 9.33 8.16
N ALA B 121 6.00 8.44 9.13
CA ALA B 121 5.69 8.85 10.50
C ALA B 121 6.69 9.89 11.01
N VAL B 122 7.97 9.60 10.84
CA VAL B 122 9.01 10.53 11.21
C VAL B 122 8.74 11.86 10.50
N LYS B 123 8.64 11.78 9.19
CA LYS B 123 8.33 12.91 8.34
C LYS B 123 7.18 13.75 8.90
N LEU B 124 6.15 13.07 9.41
CA LEU B 124 5.01 13.76 10.02
C LEU B 124 5.39 14.40 11.36
N ASN B 125 6.13 13.65 12.18
CA ASN B 125 6.60 14.17 13.47
C ASN B 125 7.53 15.34 13.25
N LYS B 126 8.45 15.20 12.32
CA LYS B 126 9.37 16.29 11.97
C LYS B 126 8.65 17.49 11.35
N GLN B 127 7.35 17.35 11.13
CA GLN B 127 6.50 18.48 10.74
C GLN B 127 6.87 19.06 9.38
N GLN B 128 7.43 18.21 8.52
CA GLN B 128 7.89 18.61 7.18
C GLN B 128 7.00 17.96 6.10
N THR B 129 5.81 17.52 6.49
CA THR B 129 4.75 17.19 5.54
C THR B 129 3.40 17.39 6.23
N ASP B 130 2.33 17.38 5.46
CA ASP B 130 0.97 17.34 6.02
C ASP B 130 0.40 15.94 5.84
N ILE B 131 0.62 15.37 4.67
CA ILE B 131 0.16 14.03 4.36
C ILE B 131 1.34 13.24 3.89
N ALA B 132 1.30 11.96 4.19
CA ALA B 132 2.32 11.04 3.76
C ALA B 132 1.63 9.74 3.37
N VAL B 133 2.05 9.19 2.23
CA VAL B 133 1.36 8.06 1.61
C VAL B 133 2.33 6.89 1.38
N ASN B 134 1.93 5.71 1.82
CA ASN B 134 2.68 4.48 1.59
C ASN B 134 1.72 3.33 1.33
N TRP B 135 1.45 3.09 0.05
CA TRP B 135 0.48 2.06 -0.35
C TRP B 135 0.94 0.63 -0.05
N ALA B 136 2.25 0.43 0.05
CA ALA B 136 2.82 -0.86 0.41
C ALA B 136 2.39 -1.27 1.80
N GLY B 137 2.39 -0.28 2.69
CA GLY B 137 2.03 -0.51 4.07
C GLY B 137 0.55 -0.83 4.26
N GLY B 138 0.12 -0.68 5.52
CA GLY B 138 -1.27 -0.91 5.93
C GLY B 138 -1.60 -2.33 6.40
N LEU B 139 -0.59 -3.17 6.54
CA LEU B 139 -0.81 -4.61 6.79
C LEU B 139 -1.20 -4.87 8.24
N HIS B 140 -2.50 -4.91 8.46
CA HIS B 140 -3.09 -4.67 9.78
C HIS B 140 -3.53 -5.90 10.62
N HIS B 141 -3.35 -7.12 10.08
CA HIS B 141 -3.72 -8.35 10.80
C HIS B 141 -2.59 -8.96 11.62
N ALA B 142 -1.38 -8.45 11.42
CA ALA B 142 -0.22 -8.98 12.10
C ALA B 142 -0.34 -8.82 13.63
N LYS B 143 0.26 -9.76 14.35
CA LYS B 143 0.28 -9.73 15.81
C LYS B 143 1.71 -9.68 16.29
N LYS B 144 1.87 -9.44 17.58
CA LYS B 144 3.17 -9.29 18.22
C LYS B 144 4.09 -10.48 17.97
N SER B 145 3.53 -11.68 18.08
CA SER B 145 4.33 -12.91 18.04
C SER B 145 3.84 -13.90 16.99
N GLU B 146 3.06 -13.45 16.02
CA GLU B 146 2.62 -14.32 14.93
C GLU B 146 2.09 -13.53 13.72
N ALA B 147 2.28 -14.11 12.55
CA ALA B 147 1.73 -13.59 11.31
C ALA B 147 0.25 -13.95 11.24
N SER B 148 -0.53 -13.19 10.48
CA SER B 148 -1.97 -13.49 10.28
C SER B 148 -2.57 -12.68 9.13
N GLY B 149 -3.48 -13.30 8.39
CA GLY B 149 -4.14 -12.63 7.26
C GLY B 149 -3.20 -11.88 6.34
N PHE B 150 -2.24 -12.61 5.79
CA PHE B 150 -1.29 -12.08 4.82
C PHE B 150 -0.33 -11.04 5.38
N CYS B 151 -0.47 -10.71 6.66
CA CYS B 151 0.38 -9.70 7.29
C CYS B 151 1.43 -10.38 8.15
N TYR B 152 2.69 -9.96 8.00
CA TYR B 152 3.79 -10.54 8.74
C TYR B 152 4.30 -9.54 9.79
N VAL B 153 4.54 -8.31 9.35
CA VAL B 153 4.90 -7.22 10.25
C VAL B 153 3.79 -6.18 10.23
N ASN B 154 3.38 -5.70 11.40
CA ASN B 154 2.38 -4.66 11.51
C ASN B 154 3.02 -3.30 11.49
N ASP B 155 3.25 -2.83 10.27
CA ASP B 155 3.87 -1.55 10.02
C ASP B 155 3.10 -0.43 10.69
N ILE B 156 1.79 -0.65 10.86
CA ILE B 156 0.89 0.38 11.36
C ILE B 156 1.21 0.71 12.82
N VAL B 157 1.30 -0.35 13.61
CA VAL B 157 1.63 -0.18 15.01
C VAL B 157 2.95 0.60 15.13
N LEU B 158 3.99 0.08 14.49
CA LEU B 158 5.34 0.70 14.53
C LEU B 158 5.30 2.16 14.13
N ALA B 159 4.53 2.45 13.09
CA ALA B 159 4.32 3.80 12.63
C ALA B 159 3.70 4.63 13.75
N ILE B 160 2.64 4.10 14.34
CA ILE B 160 1.93 4.79 15.40
C ILE B 160 2.82 5.03 16.63
N LEU B 161 3.65 4.03 16.95
CA LEU B 161 4.56 4.12 18.09
C LEU B 161 5.54 5.28 17.96
N GLU B 162 5.97 5.55 16.74
CA GLU B 162 6.82 6.71 16.48
C GLU B 162 6.04 8.02 16.63
N LEU B 163 4.80 8.03 16.19
CA LEU B 163 3.98 9.23 16.26
C LEU B 163 3.67 9.63 17.71
N LEU B 164 3.50 8.62 18.56
CA LEU B 164 3.26 8.88 19.99
C LEU B 164 4.39 9.69 20.64
N LYS B 165 5.56 9.68 20.02
CA LYS B 165 6.71 10.45 20.51
C LYS B 165 6.44 11.95 20.44
N TYR B 166 5.59 12.37 19.51
CA TYR B 166 5.22 13.79 19.40
C TYR B 166 3.72 14.08 19.55
N HIS B 167 2.90 13.03 19.48
CA HIS B 167 1.45 13.21 19.49
C HIS B 167 0.83 12.48 20.67
N GLN B 168 0.11 13.24 21.49
CA GLN B 168 -0.58 12.71 22.67
C GLN B 168 -1.63 11.68 22.30
N ARG B 169 -2.47 12.05 21.34
CA ARG B 169 -3.56 11.21 20.88
C ARG B 169 -3.47 10.94 19.39
N VAL B 170 -3.37 9.66 19.05
CA VAL B 170 -3.30 9.21 17.65
C VAL B 170 -4.55 8.45 17.31
N LEU B 171 -5.26 8.91 16.29
CA LEU B 171 -6.48 8.24 15.86
C LEU B 171 -6.15 7.26 14.78
N TYR B 172 -6.67 6.04 14.88
CA TYR B 172 -6.50 5.09 13.79
C TYR B 172 -7.81 4.68 13.15
N ILE B 173 -8.00 5.04 11.89
CA ILE B 173 -9.22 4.70 11.14
C ILE B 173 -8.91 3.60 10.11
N ASP B 174 -9.82 2.65 9.99
CA ASP B 174 -9.61 1.45 9.21
C ASP B 174 -10.87 1.16 8.35
N ILE B 175 -10.76 1.38 7.04
CA ILE B 175 -11.88 1.19 6.07
C ILE B 175 -11.95 -0.23 5.50
N ASP B 176 -10.81 -0.91 5.54
CA ASP B 176 -10.66 -2.26 5.01
C ASP B 176 -11.91 -3.03 5.39
N ILE B 177 -12.36 -3.89 4.48
CA ILE B 177 -13.51 -4.73 4.80
C ILE B 177 -13.24 -5.64 6.01
N HIS B 178 -12.00 -6.08 6.21
CA HIS B 178 -11.65 -6.95 7.35
C HIS B 178 -11.32 -6.14 8.61
N HIS B 179 -11.81 -6.59 9.77
CA HIS B 179 -11.58 -5.90 11.05
C HIS B 179 -10.09 -5.81 11.42
N GLY B 180 -9.66 -4.58 11.70
CA GLY B 180 -8.24 -4.27 11.96
C GLY B 180 -7.81 -4.67 13.35
N ASP B 181 -7.82 -5.98 13.59
CA ASP B 181 -7.57 -6.58 14.90
C ASP B 181 -6.08 -6.49 15.36
N GLY B 182 -5.15 -6.40 14.41
CA GLY B 182 -3.76 -6.27 14.76
C GLY B 182 -3.53 -4.93 15.42
N VAL B 183 -4.02 -3.88 14.78
CA VAL B 183 -3.80 -2.55 15.31
C VAL B 183 -4.63 -2.38 16.57
N GLU B 184 -5.75 -3.07 16.64
CA GLU B 184 -6.60 -3.00 17.82
C GLU B 184 -5.93 -3.65 19.02
N GLU B 185 -5.56 -4.91 18.86
CA GLU B 185 -4.97 -5.69 19.95
C GLU B 185 -3.70 -5.08 20.52
N ALA B 186 -2.89 -4.50 19.63
CA ALA B 186 -1.64 -3.88 20.04
C ALA B 186 -1.87 -2.66 20.95
N PHE B 187 -2.99 -1.98 20.78
CA PHE B 187 -3.29 -0.79 21.55
C PHE B 187 -4.52 -0.94 22.42
N TYR B 188 -4.90 -2.19 22.69
CA TYR B 188 -6.16 -2.50 23.39
C TYR B 188 -6.28 -1.88 24.79
N THR B 189 -5.16 -1.65 25.46
CA THR B 189 -5.17 -1.20 26.85
C THR B 189 -4.73 0.24 27.04
N THR B 190 -4.63 1.00 25.95
CA THR B 190 -4.20 2.39 26.06
C THR B 190 -5.29 3.39 25.64
N ASP B 191 -5.25 4.55 26.25
CA ASP B 191 -6.17 5.63 25.96
C ASP B 191 -5.58 6.62 24.98
N ARG B 192 -4.31 6.47 24.63
CA ARG B 192 -3.64 7.44 23.77
C ARG B 192 -3.95 7.22 22.29
N VAL B 193 -4.41 6.01 21.96
CA VAL B 193 -4.70 5.65 20.58
C VAL B 193 -6.09 5.04 20.47
N MET B 194 -6.94 5.64 19.64
CA MET B 194 -8.29 5.14 19.43
C MET B 194 -8.46 4.46 18.07
N THR B 195 -8.92 3.21 18.09
CA THR B 195 -8.98 2.40 16.87
C THR B 195 -10.43 2.21 16.41
N VAL B 196 -10.77 2.90 15.33
CA VAL B 196 -12.11 2.83 14.75
C VAL B 196 -12.12 1.99 13.47
N SER B 197 -13.07 1.07 13.37
CA SER B 197 -13.07 0.10 12.27
C SER B 197 -14.46 -0.29 11.77
N PHE B 198 -14.62 -0.21 10.45
CA PHE B 198 -15.87 -0.53 9.76
C PHE B 198 -15.67 -1.73 8.87
N HIS B 199 -16.40 -2.81 9.11
CA HIS B 199 -16.09 -4.08 8.50
C HIS B 199 -17.25 -5.03 8.45
N LYS B 200 -17.15 -6.00 7.57
CA LYS B 200 -18.10 -7.10 7.54
C LYS B 200 -17.94 -7.88 8.83
N TYR B 201 -19.01 -8.52 9.27
CA TYR B 201 -18.98 -9.34 10.47
C TYR B 201 -19.98 -10.49 10.37
N GLY B 202 -19.59 -11.67 10.85
CA GLY B 202 -20.46 -12.84 10.79
C GLY B 202 -20.06 -13.79 9.68
N GLU B 203 -19.39 -14.87 10.05
CA GLU B 203 -18.80 -15.82 9.08
C GLU B 203 -17.82 -15.09 8.18
N TYR B 204 -16.82 -14.47 8.80
CA TYR B 204 -15.85 -13.66 8.06
C TYR B 204 -14.62 -13.49 8.92
N PHE B 205 -13.49 -13.19 8.29
CA PHE B 205 -12.26 -13.04 9.02
C PHE B 205 -12.17 -11.61 9.52
N PRO B 206 -11.56 -11.40 10.70
CA PRO B 206 -10.87 -12.36 11.58
C PRO B 206 -11.71 -12.93 12.74
N GLY B 207 -13.02 -12.72 12.70
CA GLY B 207 -13.94 -13.20 13.75
C GLY B 207 -14.10 -12.22 14.90
N THR B 208 -13.39 -11.10 14.83
CA THR B 208 -13.36 -10.13 15.91
C THR B 208 -13.87 -8.78 15.46
N GLY B 209 -14.22 -7.94 16.42
CA GLY B 209 -14.64 -6.57 16.14
C GLY B 209 -16.15 -6.36 16.04
N ASP B 210 -16.90 -7.04 16.91
CA ASP B 210 -18.34 -6.84 16.96
C ASP B 210 -18.65 -5.59 17.79
N LEU B 211 -19.94 -5.27 17.87
CA LEU B 211 -20.44 -4.07 18.55
C LEU B 211 -19.87 -3.96 19.96
N ARG B 212 -19.83 -5.09 20.66
CA ARG B 212 -19.40 -5.13 22.05
C ARG B 212 -17.88 -5.17 22.28
N ASP B 213 -17.09 -5.05 21.21
CA ASP B 213 -15.63 -4.98 21.34
C ASP B 213 -15.24 -3.53 21.59
N ILE B 214 -15.05 -3.19 22.86
CA ILE B 214 -14.93 -1.78 23.29
C ILE B 214 -13.52 -1.44 23.77
N GLY B 215 -12.71 -2.46 24.02
CA GLY B 215 -11.37 -2.26 24.59
C GLY B 215 -11.26 -2.90 25.96
N ALA B 216 -10.23 -2.49 26.71
CA ALA B 216 -10.02 -2.96 28.10
C ALA B 216 -9.09 -2.03 28.91
N GLY B 217 -9.35 -1.93 30.21
CA GLY B 217 -8.50 -1.16 31.12
C GLY B 217 -8.59 0.31 30.83
N LYS B 218 -7.42 0.95 30.71
CA LYS B 218 -7.36 2.32 30.19
C LYS B 218 -7.87 2.45 28.76
N GLY B 219 -7.79 1.36 27.99
CA GLY B 219 -8.25 1.36 26.60
C GLY B 219 -9.74 1.10 26.41
N LYS B 220 -10.51 1.00 27.49
CA LYS B 220 -11.95 0.80 27.37
C LYS B 220 -12.64 2.10 27.00
N TYR B 221 -13.56 1.98 26.05
CA TYR B 221 -14.22 3.11 25.36
C TYR B 221 -13.28 3.84 24.38
N TYR B 222 -12.22 3.15 23.96
CA TYR B 222 -11.31 3.70 23.00
C TYR B 222 -11.09 2.77 21.80
N ALA B 223 -11.85 1.68 21.72
CA ALA B 223 -11.84 0.85 20.52
C ALA B 223 -13.24 0.86 19.97
N VAL B 224 -13.45 1.62 18.90
CA VAL B 224 -14.73 1.74 18.24
C VAL B 224 -14.80 0.72 17.11
N ASN B 225 -15.95 0.12 16.93
CA ASN B 225 -16.15 -0.84 15.84
C ASN B 225 -17.53 -0.63 15.24
N TYR B 226 -17.64 -0.84 13.93
CA TYR B 226 -18.93 -0.84 13.27
C TYR B 226 -19.07 -2.14 12.47
N PRO B 227 -19.79 -3.13 13.02
CA PRO B 227 -20.02 -4.37 12.30
C PRO B 227 -21.06 -4.21 11.20
N LEU B 228 -20.89 -4.91 10.07
CA LEU B 228 -21.74 -4.72 8.89
C LEU B 228 -22.00 -6.03 8.19
N ARG B 229 -23.16 -6.14 7.56
CA ARG B 229 -23.46 -7.25 6.66
C ARG B 229 -23.09 -6.90 5.22
N ASP B 230 -23.43 -7.80 4.30
CA ASP B 230 -23.08 -7.65 2.90
C ASP B 230 -23.76 -6.49 2.19
N GLY B 231 -23.17 -6.10 1.07
CA GLY B 231 -23.81 -5.24 0.07
C GLY B 231 -23.97 -3.76 0.39
N ILE B 232 -23.14 -3.23 1.26
CA ILE B 232 -23.27 -1.82 1.66
C ILE B 232 -22.99 -0.81 0.53
N ASP B 233 -23.86 0.18 0.40
CA ASP B 233 -23.74 1.20 -0.64
C ASP B 233 -22.73 2.25 -0.22
N ASP B 234 -22.39 3.10 -1.17
CA ASP B 234 -21.68 4.35 -0.90
C ASP B 234 -22.55 5.25 -0.03
N GLU B 235 -23.84 5.25 -0.36
CA GLU B 235 -24.81 6.09 0.31
C GLU B 235 -25.00 5.70 1.78
N SER B 236 -25.32 4.43 2.04
CA SER B 236 -25.34 3.91 3.40
C SER B 236 -24.01 4.12 4.15
N TYR B 237 -22.88 3.80 3.52
CA TYR B 237 -21.57 3.94 4.16
C TYR B 237 -21.28 5.39 4.52
N GLU B 238 -21.44 6.29 3.56
CA GLU B 238 -21.24 7.71 3.83
C GLU B 238 -22.12 8.16 5.02
N ALA B 239 -23.40 7.79 4.99
CA ALA B 239 -24.36 8.21 6.00
C ALA B 239 -24.07 7.64 7.39
N ILE B 240 -23.19 6.66 7.50
CA ILE B 240 -22.76 6.17 8.83
C ILE B 240 -21.30 6.44 9.16
N PHE B 241 -20.51 6.92 8.20
CA PHE B 241 -19.10 7.20 8.48
C PHE B 241 -18.89 8.61 9.01
N LYS B 242 -19.45 9.58 8.30
CA LYS B 242 -19.34 10.99 8.66
C LYS B 242 -19.88 11.28 10.07
N PRO B 243 -21.11 10.82 10.39
CA PRO B 243 -21.64 11.08 11.74
C PRO B 243 -20.68 10.59 12.80
N VAL B 244 -20.29 9.32 12.71
CA VAL B 244 -19.43 8.66 13.71
C VAL B 244 -18.05 9.30 13.82
N MET B 245 -17.43 9.61 12.68
CA MET B 245 -16.09 10.21 12.71
C MET B 245 -16.09 11.64 13.25
N SER B 246 -17.14 12.41 12.97
CA SER B 246 -17.27 13.75 13.54
C SER B 246 -17.40 13.74 15.05
N LYS B 247 -18.09 12.72 15.56
CA LYS B 247 -18.18 12.51 17.00
C LYS B 247 -16.82 12.10 17.51
N VAL B 248 -16.21 11.12 16.86
CA VAL B 248 -14.88 10.70 17.24
C VAL B 248 -13.94 11.90 17.37
N MET B 249 -13.79 12.68 16.31
CA MET B 249 -12.96 13.90 16.41
C MET B 249 -13.44 14.73 17.57
N GLU B 250 -14.75 14.96 17.63
CA GLU B 250 -15.33 15.77 18.71
C GLU B 250 -14.80 15.29 20.06
N MET B 251 -14.93 13.99 20.32
CA MET B 251 -14.58 13.44 21.64
C MET B 251 -13.08 13.14 21.82
N PHE B 252 -12.52 12.29 20.97
CA PHE B 252 -11.11 11.85 21.07
C PHE B 252 -10.06 12.91 20.66
N GLN B 253 -10.49 13.98 19.99
CA GLN B 253 -9.64 15.18 19.75
C GLN B 253 -8.18 14.90 19.38
N PRO B 254 -7.95 14.07 18.35
CA PRO B 254 -6.59 13.60 18.09
C PRO B 254 -5.70 14.67 17.48
N SER B 255 -4.40 14.40 17.44
CA SER B 255 -3.42 15.32 16.86
C SER B 255 -2.63 14.69 15.70
N ALA B 256 -3.04 13.50 15.28
CA ALA B 256 -2.46 12.85 14.11
C ALA B 256 -3.36 11.67 13.75
N VAL B 257 -3.70 11.57 12.46
CA VAL B 257 -4.59 10.53 12.00
C VAL B 257 -3.82 9.53 11.19
N VAL B 258 -4.19 8.27 11.30
CA VAL B 258 -3.66 7.25 10.42
C VAL B 258 -4.82 6.49 9.81
N LEU B 259 -5.03 6.72 8.52
CA LEU B 259 -6.15 6.14 7.79
C LEU B 259 -5.67 4.95 6.99
N GLN B 260 -6.15 3.77 7.33
CA GLN B 260 -5.85 2.59 6.53
C GLN B 260 -6.92 2.51 5.45
N CYS B 261 -6.50 2.58 4.18
CA CYS B 261 -7.42 2.70 3.07
C CYS B 261 -7.57 1.39 2.32
N GLY B 262 -8.00 0.37 3.05
CA GLY B 262 -8.13 -0.98 2.51
C GLY B 262 -9.08 -0.95 1.33
N SER B 263 -8.66 -1.56 0.22
CA SER B 263 -9.46 -1.48 -0.98
C SER B 263 -10.25 -2.74 -1.29
N ASP B 264 -10.33 -3.67 -0.33
CA ASP B 264 -11.16 -4.87 -0.51
C ASP B 264 -12.60 -4.63 -0.05
N SER B 265 -12.83 -3.44 0.51
CA SER B 265 -14.20 -2.93 0.75
C SER B 265 -14.90 -2.38 -0.52
N LEU B 266 -14.21 -2.36 -1.65
CA LEU B 266 -14.81 -1.96 -2.92
C LEU B 266 -15.67 -3.07 -3.47
N SER B 267 -16.49 -2.70 -4.43
CA SER B 267 -17.37 -3.62 -5.12
C SER B 267 -16.55 -4.54 -6.01
N GLY B 268 -17.09 -5.73 -6.25
CA GLY B 268 -16.45 -6.73 -7.09
C GLY B 268 -15.04 -7.13 -6.66
N ASP B 269 -14.76 -7.12 -5.36
CA ASP B 269 -13.50 -7.64 -4.89
C ASP B 269 -13.59 -9.14 -4.90
N ARG B 270 -12.43 -9.77 -4.92
CA ARG B 270 -12.33 -11.20 -5.03
C ARG B 270 -12.73 -11.79 -3.70
N LEU B 271 -12.25 -11.20 -2.61
CA LEU B 271 -12.51 -11.70 -1.23
C LEU B 271 -13.63 -10.93 -0.54
N GLY B 272 -13.72 -9.63 -0.82
CA GLY B 272 -14.74 -8.76 -0.23
C GLY B 272 -16.14 -8.96 -0.76
N CYS B 273 -17.12 -8.52 0.01
CA CYS B 273 -18.54 -8.57 -0.38
C CYS B 273 -19.28 -7.28 0.05
N PHE B 274 -18.67 -6.14 -0.24
CA PHE B 274 -19.28 -4.82 -0.07
C PHE B 274 -19.48 -4.25 -1.45
N ASN B 275 -20.28 -3.19 -1.54
CA ASN B 275 -20.68 -2.63 -2.85
C ASN B 275 -20.31 -1.15 -2.97
N LEU B 276 -19.05 -0.85 -2.62
CA LEU B 276 -18.56 0.51 -2.69
C LEU B 276 -17.86 0.82 -3.99
N THR B 277 -17.98 2.07 -4.41
CA THR B 277 -17.28 2.57 -5.58
C THR B 277 -16.09 3.35 -5.10
N ILE B 278 -15.14 3.54 -6.00
CA ILE B 278 -13.96 4.35 -5.73
C ILE B 278 -14.44 5.67 -5.17
N LYS B 279 -15.48 6.24 -5.77
CA LYS B 279 -15.98 7.53 -5.35
C LYS B 279 -16.36 7.48 -3.89
N GLY B 280 -17.20 6.53 -3.52
CA GLY B 280 -17.65 6.43 -2.15
C GLY B 280 -16.49 6.19 -1.19
N HIS B 281 -15.69 5.19 -1.54
CA HIS B 281 -14.50 4.84 -0.76
C HIS B 281 -13.66 6.08 -0.50
N ALA B 282 -13.39 6.87 -1.53
CA ALA B 282 -12.56 8.07 -1.41
C ALA B 282 -13.21 9.19 -0.58
N LYS B 283 -14.53 9.32 -0.67
CA LYS B 283 -15.27 10.30 0.12
C LYS B 283 -14.85 10.25 1.60
N CYS B 284 -14.46 9.07 2.06
CA CYS B 284 -13.96 8.90 3.42
C CYS B 284 -12.62 9.55 3.59
N VAL B 285 -11.70 9.30 2.68
CA VAL B 285 -10.38 9.93 2.71
C VAL B 285 -10.49 11.46 2.67
N GLU B 286 -11.40 11.95 1.84
CA GLU B 286 -11.61 13.39 1.68
C GLU B 286 -12.15 13.99 2.97
N PHE B 287 -13.07 13.28 3.61
CA PHE B 287 -13.69 13.72 4.87
C PHE B 287 -12.66 13.82 5.99
N VAL B 288 -11.81 12.80 6.07
CA VAL B 288 -10.74 12.77 7.03
C VAL B 288 -9.78 13.93 6.77
N LYS B 289 -9.23 13.98 5.57
CA LYS B 289 -8.34 15.06 5.16
C LYS B 289 -8.87 16.42 5.59
N SER B 290 -10.19 16.62 5.47
CA SER B 290 -10.87 17.90 5.81
C SER B 290 -10.59 18.38 7.24
N PHE B 291 -10.45 17.42 8.16
CA PHE B 291 -10.05 17.70 9.54
C PHE B 291 -8.59 18.10 9.69
N ASN B 292 -7.93 18.42 8.59
CA ASN B 292 -6.65 19.12 8.63
C ASN B 292 -5.73 18.69 9.77
N LEU B 293 -5.51 17.39 9.89
CA LEU B 293 -4.55 16.90 10.86
C LEU B 293 -3.43 16.22 10.10
N PRO B 294 -2.23 16.17 10.66
CA PRO B 294 -1.19 15.35 10.08
C PRO B 294 -1.76 13.97 9.79
N MET B 295 -1.64 13.53 8.55
CA MET B 295 -2.36 12.35 8.09
C MET B 295 -1.41 11.36 7.43
N LEU B 296 -1.63 10.09 7.69
CA LEU B 296 -0.77 9.06 7.16
C LEU B 296 -1.58 7.97 6.49
N MET B 297 -1.71 8.09 5.18
CA MET B 297 -2.49 7.14 4.38
C MET B 297 -1.69 5.88 4.09
N LEU B 298 -2.26 4.75 4.44
CA LEU B 298 -1.70 3.46 4.12
C LEU B 298 -2.69 2.66 3.31
N GLY B 299 -2.23 1.64 2.66
CA GLY B 299 -3.14 0.80 1.95
C GLY B 299 -3.50 -0.33 2.85
N GLY B 300 -3.45 -1.56 2.34
CA GLY B 300 -4.09 -2.67 3.04
C GLY B 300 -4.59 -3.71 2.04
N GLY B 301 -5.68 -4.39 2.39
CA GLY B 301 -6.32 -5.33 1.49
C GLY B 301 -6.82 -4.73 0.17
N GLY B 302 -7.26 -5.64 -0.70
CA GLY B 302 -7.68 -5.33 -2.08
C GLY B 302 -7.24 -6.48 -2.96
N TYR B 303 -8.19 -7.15 -3.63
CA TYR B 303 -7.85 -8.36 -4.38
C TYR B 303 -8.38 -8.50 -5.81
N THR B 304 -9.09 -7.49 -6.30
CA THR B 304 -9.33 -7.27 -7.73
C THR B 304 -8.43 -6.13 -8.19
N ILE B 305 -7.15 -6.47 -8.43
CA ILE B 305 -6.06 -5.47 -8.47
C ILE B 305 -6.27 -4.30 -9.46
N ARG B 306 -6.98 -4.57 -10.55
CA ARG B 306 -7.34 -3.51 -11.50
C ARG B 306 -8.00 -2.35 -10.76
N ASN B 307 -8.90 -2.68 -9.83
CA ASN B 307 -9.62 -1.68 -9.04
C ASN B 307 -8.81 -1.13 -7.86
N VAL B 308 -7.99 -1.99 -7.27
CA VAL B 308 -7.06 -1.56 -6.25
C VAL B 308 -6.20 -0.42 -6.81
N ALA B 309 -5.66 -0.65 -8.01
CA ALA B 309 -4.89 0.34 -8.75
C ALA B 309 -5.68 1.63 -8.90
N ARG B 310 -6.86 1.51 -9.49
CA ARG B 310 -7.76 2.65 -9.68
C ARG B 310 -7.95 3.41 -8.38
N CYS B 311 -8.40 2.71 -7.34
CA CYS B 311 -8.73 3.33 -6.05
C CYS B 311 -7.64 4.23 -5.49
N TRP B 312 -6.50 3.62 -5.22
CA TRP B 312 -5.41 4.33 -4.55
C TRP B 312 -4.81 5.39 -5.45
N THR B 313 -4.91 5.22 -6.76
CA THR B 313 -4.55 6.29 -7.68
C THR B 313 -5.49 7.47 -7.44
N TYR B 314 -6.78 7.20 -7.44
CA TYR B 314 -7.76 8.24 -7.21
C TYR B 314 -7.56 8.87 -5.84
N GLU B 315 -7.48 8.05 -4.81
CA GLU B 315 -7.32 8.57 -3.46
C GLU B 315 -6.02 9.36 -3.27
N THR B 316 -5.02 9.12 -4.11
CA THR B 316 -3.84 9.94 -4.06
C THR B 316 -4.20 11.32 -4.58
N ALA B 317 -4.89 11.39 -5.71
CA ALA B 317 -5.38 12.69 -6.20
C ALA B 317 -6.11 13.46 -5.11
N VAL B 318 -6.91 12.77 -4.31
CA VAL B 318 -7.69 13.41 -3.27
C VAL B 318 -6.79 14.09 -2.25
N ALA B 319 -5.66 13.47 -1.94
CA ALA B 319 -4.70 14.06 -1.01
C ALA B 319 -4.04 15.29 -1.60
N LEU B 320 -3.96 15.35 -2.93
CA LEU B 320 -3.49 16.53 -3.66
C LEU B 320 -4.64 17.45 -4.12
N ASP B 321 -5.86 17.10 -3.74
CA ASP B 321 -7.02 17.83 -4.18
C ASP B 321 -6.81 18.37 -5.61
N THR B 322 -6.42 17.47 -6.52
CA THR B 322 -6.41 17.76 -7.95
C THR B 322 -7.38 16.83 -8.67
N GLU B 323 -7.93 17.30 -9.78
CA GLU B 323 -8.90 16.54 -10.54
C GLU B 323 -8.14 15.61 -11.50
N ILE B 324 -8.67 14.42 -11.74
CA ILE B 324 -8.15 13.59 -12.82
C ILE B 324 -9.30 13.05 -13.66
N PRO B 325 -9.07 12.89 -14.97
CA PRO B 325 -10.10 12.38 -15.85
C PRO B 325 -10.38 10.89 -15.66
N ASN B 326 -11.57 10.48 -16.05
CA ASN B 326 -11.98 9.09 -15.97
C ASN B 326 -11.19 8.28 -17.00
N GLU B 327 -10.79 8.96 -18.07
CA GLU B 327 -9.89 8.37 -19.07
C GLU B 327 -8.56 7.95 -18.40
N LEU B 328 -8.31 6.65 -18.35
CA LEU B 328 -7.04 6.18 -17.83
C LEU B 328 -5.91 6.52 -18.80
N PRO B 329 -4.78 7.03 -18.29
CA PRO B 329 -3.68 7.32 -19.17
C PRO B 329 -2.97 6.05 -19.59
N TYR B 330 -2.39 6.06 -20.78
CA TYR B 330 -1.62 4.93 -21.23
C TYR B 330 -0.55 4.60 -20.19
N ASN B 331 -0.24 3.33 -20.08
CA ASN B 331 0.82 2.88 -19.20
C ASN B 331 1.20 1.47 -19.53
N ASP B 332 2.29 1.01 -18.94
CA ASP B 332 2.77 -0.33 -19.19
C ASP B 332 1.68 -1.39 -18.99
N TYR B 333 0.75 -1.15 -18.07
CA TYR B 333 -0.27 -2.15 -17.76
C TYR B 333 -1.65 -1.71 -18.22
N PHE B 334 -1.69 -0.73 -19.12
CA PHE B 334 -2.95 -0.18 -19.66
C PHE B 334 -3.93 -1.25 -20.09
N GLU B 335 -3.41 -2.32 -20.65
CA GLU B 335 -4.25 -3.36 -21.24
C GLU B 335 -4.95 -4.16 -20.14
N TYR B 336 -4.45 -4.07 -18.91
CA TYR B 336 -5.12 -4.71 -17.79
C TYR B 336 -6.54 -4.22 -17.59
N PHE B 337 -6.83 -2.98 -17.94
CA PHE B 337 -8.10 -2.33 -17.55
C PHE B 337 -9.27 -2.51 -18.51
N GLY B 338 -9.73 -3.75 -18.64
CA GLY B 338 -10.97 -4.06 -19.34
C GLY B 338 -11.05 -3.48 -20.74
N PRO B 339 -12.24 -3.58 -21.36
CA PRO B 339 -12.53 -2.92 -22.64
C PRO B 339 -12.70 -1.41 -22.51
N ASP B 340 -13.06 -0.98 -21.29
CA ASP B 340 -13.41 0.42 -20.97
C ASP B 340 -12.23 1.40 -20.76
N PHE B 341 -11.19 0.95 -20.08
CA PHE B 341 -10.04 1.80 -19.75
C PHE B 341 -10.45 3.07 -19.05
N LYS B 342 -11.35 2.92 -18.09
CA LYS B 342 -11.76 4.03 -17.25
C LYS B 342 -11.31 3.86 -15.82
N LEU B 343 -11.28 4.98 -15.12
CA LEU B 343 -10.82 5.03 -13.72
C LEU B 343 -11.85 4.53 -12.73
N HIS B 344 -13.10 4.92 -12.95
CA HIS B 344 -14.14 4.67 -11.98
C HIS B 344 -14.80 3.33 -12.17
N ILE B 345 -15.38 2.81 -11.09
CA ILE B 345 -16.27 1.66 -11.14
C ILE B 345 -17.63 2.10 -10.61
N SER B 346 -18.68 1.42 -11.06
CA SER B 346 -20.06 1.64 -10.62
C SER B 346 -20.48 0.48 -9.73
N PRO B 347 -21.53 0.65 -8.91
CA PRO B 347 -21.91 -0.43 -7.99
C PRO B 347 -22.69 -1.54 -8.69
N SER B 348 -22.72 -2.74 -8.11
CA SER B 348 -23.46 -3.87 -8.72
C SER B 348 -24.94 -3.94 -8.28
N ASN B 349 -25.73 -4.79 -8.93
CA ASN B 349 -27.15 -5.00 -8.56
C ASN B 349 -27.27 -5.66 -7.19
N MET B 350 -26.16 -6.07 -6.63
CA MET B 350 -26.09 -6.72 -5.35
C MET B 350 -26.86 -6.04 -4.28
N THR B 351 -27.52 -6.84 -3.45
CA THR B 351 -28.53 -6.40 -2.49
C THR B 351 -27.94 -5.96 -1.14
N ASN B 352 -28.25 -4.74 -0.73
CA ASN B 352 -27.70 -4.21 0.51
C ASN B 352 -28.46 -4.69 1.73
N GLN B 353 -27.90 -5.67 2.44
CA GLN B 353 -28.56 -6.25 3.62
C GLN B 353 -28.32 -5.47 4.92
N ASN B 354 -27.99 -4.18 4.78
CA ASN B 354 -27.83 -3.29 5.92
C ASN B 354 -28.99 -2.31 6.00
N THR B 355 -30.12 -2.79 6.50
CA THR B 355 -31.32 -1.99 6.57
C THR B 355 -31.08 -0.79 7.46
N ASN B 356 -31.78 0.30 7.17
CA ASN B 356 -31.66 1.52 7.97
C ASN B 356 -31.84 1.28 9.47
N GLU B 357 -32.73 0.36 9.81
CA GLU B 357 -33.00 0.03 11.21
C GLU B 357 -31.74 -0.55 11.86
N TYR B 358 -31.08 -1.46 11.17
CA TYR B 358 -29.89 -2.11 11.72
C TYR B 358 -28.69 -1.20 11.90
N LEU B 359 -28.53 -0.22 11.00
CA LEU B 359 -27.42 0.74 11.07
C LEU B 359 -27.60 1.77 12.16
N GLU B 360 -28.85 2.23 12.34
CA GLU B 360 -29.20 3.20 13.41
C GLU B 360 -29.16 2.60 14.81
N LYS B 361 -29.49 1.33 14.95
CA LYS B 361 -29.30 0.65 16.24
C LYS B 361 -27.82 0.76 16.64
N ILE B 362 -26.95 0.31 15.75
CA ILE B 362 -25.51 0.29 16.03
C ILE B 362 -24.95 1.69 16.23
N LYS B 363 -25.25 2.58 15.30
CA LYS B 363 -24.84 3.96 15.40
C LYS B 363 -25.11 4.50 16.82
N GLN B 364 -26.34 4.41 17.27
CA GLN B 364 -26.68 4.91 18.58
C GLN B 364 -25.80 4.30 19.66
N ARG B 365 -25.65 2.97 19.64
CA ARG B 365 -24.82 2.30 20.67
C ARG B 365 -23.41 2.90 20.72
N LEU B 366 -22.89 3.27 19.55
CA LEU B 366 -21.52 3.83 19.45
C LEU B 366 -21.45 5.24 19.95
N PHE B 367 -22.49 6.02 19.64
CA PHE B 367 -22.61 7.39 20.12
C PHE B 367 -22.63 7.45 21.64
N GLU B 368 -23.24 6.45 22.26
CA GLU B 368 -23.20 6.29 23.70
C GLU B 368 -21.77 5.99 24.17
N ASN B 369 -21.16 4.99 23.55
CA ASN B 369 -19.79 4.65 23.91
C ASN B 369 -18.90 5.88 23.82
N LEU B 370 -18.97 6.62 22.73
CA LEU B 370 -18.12 7.79 22.59
C LEU B 370 -18.41 8.87 23.61
N ARG B 371 -19.67 9.02 24.03
CA ARG B 371 -20.00 10.02 25.03
C ARG B 371 -19.29 9.80 26.38
N MET B 372 -18.92 8.54 26.66
CA MET B 372 -18.24 8.19 27.91
C MET B 372 -16.85 8.83 28.08
N LEU B 373 -16.27 9.29 26.98
CA LEU B 373 -14.99 10.00 27.03
C LEU B 373 -15.12 11.36 27.71
N PRO B 374 -14.01 11.90 28.21
CA PRO B 374 -14.02 13.22 28.82
C PRO B 374 -14.16 14.35 27.80
N HIS B 375 -14.87 15.41 28.17
CA HIS B 375 -15.11 16.59 27.32
C HIS B 375 -15.54 17.76 28.20
N ALA B 376 -15.96 18.88 27.60
CA ALA B 376 -16.45 20.04 28.38
C ALA B 376 -17.68 20.68 27.72
N GLY C 5 -6.52 -22.34 7.06
CA GLY C 5 -6.15 -21.02 6.46
C GLY C 5 -6.05 -19.83 7.40
N ALA C 6 -6.05 -18.66 6.79
CA ALA C 6 -6.18 -17.38 7.46
C ALA C 6 -7.37 -16.68 6.79
N ARG C 8 -8.34 -16.84 2.46
CA ARG C 8 -8.83 -17.70 1.35
C ARG C 8 -7.80 -17.84 0.20
N HIS C 9 -6.76 -18.64 0.46
CA HIS C 9 -5.63 -18.84 -0.46
C HIS C 9 -6.09 -19.56 -1.73
#